data_4I6B
#
_entry.id   4I6B
#
_cell.length_a   103.844
_cell.length_b   60.094
_cell.length_c   52.943
_cell.angle_alpha   90.00
_cell.angle_beta   106.72
_cell.angle_gamma   90.00
#
_symmetry.space_group_name_H-M   'C 1 2 1'
#
loop_
_entity.id
_entity.type
_entity.pdbx_description
1 polymer 'Serine/threonine-protein kinase PLK2'
2 non-polymer (7R)-8-cyclopentyl-7-ethyl-5-methyl-7,8-dihydropteridin-6(5H)-one
3 water water
#
_entity_poly.entity_id   1
_entity_poly.type   'polypeptide(L)'
_entity_poly.pdbx_seq_one_letter_code
;MMHHHHHHHHSHSGPEISRIIVDPTTGKRYSRGKTLGKGGFAKCYEMTDLTNNKVYAAKIIPHSRVSKPHQREKIDKEIE
LHRILHHKHVVQFYHYFEDKENIYILLEYCSRRSMAHILKARKVLTEPEVRYYLRQIVSGLKYLHEQEILHRDLKLGNFF
INESMELKVGDFGLAARLEPLEHRRRTICGTPNYLSPEVLNKQGHGAESDIWALGCVMYTMLLGRPPFETTNLKETYRSI
REARYTMPSSLLAPAKHLIASMLSKNPEDRPSLDDIIRHDFFTQGFTPDRLSSSCCHTVPDFHLSSPA
;
_entity_poly.pdbx_strand_id   A
#
# COMPACT_ATOMS: atom_id res chain seq x y z
N ARG A 19 17.74 -22.13 10.85
CA ARG A 19 18.74 -22.13 9.77
C ARG A 19 19.56 -20.83 9.76
N ILE A 20 20.89 -20.96 9.73
CA ILE A 20 21.79 -19.82 9.62
C ILE A 20 21.99 -19.49 8.16
N ILE A 21 21.79 -18.22 7.82
CA ILE A 21 22.00 -17.72 6.47
C ILE A 21 23.13 -16.68 6.53
N VAL A 22 24.14 -16.88 5.70
CA VAL A 22 25.27 -15.99 5.69
C VAL A 22 25.25 -15.17 4.42
N ASP A 23 25.45 -13.86 4.57
CA ASP A 23 25.65 -12.99 3.41
C ASP A 23 27.09 -13.17 2.89
N PRO A 24 27.24 -13.79 1.70
CA PRO A 24 28.59 -14.12 1.21
C PRO A 24 29.42 -12.88 0.86
N THR A 25 28.76 -11.73 0.75
CA THR A 25 29.42 -10.44 0.45
C THR A 25 30.11 -9.79 1.66
N THR A 26 29.54 -9.99 2.85
CA THR A 26 29.96 -9.26 4.07
C THR A 26 30.40 -10.08 5.29
N GLY A 27 29.98 -11.33 5.42
CA GLY A 27 30.18 -11.91 6.76
C GLY A 27 28.89 -12.44 7.32
N LYS A 28 27.78 -11.75 7.13
CA LYS A 28 27.09 -11.08 8.22
C LYS A 28 26.17 -12.32 8.36
N ARG A 29 25.82 -12.73 9.57
CA ARG A 29 24.98 -13.91 9.74
C ARG A 29 23.56 -13.58 10.20
N TYR A 30 22.61 -14.33 9.66
CA TYR A 30 21.19 -14.19 9.93
C TYR A 30 20.66 -15.54 10.35
N SER A 31 19.56 -15.54 11.11
CA SER A 31 18.90 -16.76 11.51
C SER A 31 17.45 -16.77 11.02
N ARG A 32 17.09 -17.78 10.23
CA ARG A 32 15.73 -17.83 9.65
C ARG A 32 14.73 -18.36 10.66
N GLY A 33 13.66 -17.61 10.88
CA GLY A 33 12.60 -18.02 11.80
C GLY A 33 11.41 -18.62 11.07
N LYS A 34 10.22 -18.46 11.66
CA LYS A 34 9.00 -19.04 11.14
C LYS A 34 8.52 -18.39 9.82
N THR A 35 7.89 -19.18 8.97
CA THR A 35 7.31 -18.65 7.75
C THR A 35 6.14 -17.69 8.04
N LEU A 36 6.02 -16.65 7.22
CA LEU A 36 4.91 -15.69 7.27
C LEU A 36 3.94 -15.91 6.10
N GLY A 37 4.35 -16.76 5.17
CA GLY A 37 3.52 -17.13 4.04
C GLY A 37 4.09 -16.60 2.75
N LYS A 38 3.29 -16.74 1.69
CA LYS A 38 3.66 -16.41 0.32
C LYS A 38 3.49 -14.92 0.00
N GLY A 39 4.40 -14.38 -0.80
CA GLY A 39 4.29 -13.02 -1.30
C GLY A 39 4.77 -12.92 -2.74
N GLY A 40 3.89 -13.30 -3.68
CA GLY A 40 4.23 -13.30 -5.10
C GLY A 40 5.37 -14.23 -5.43
N PHE A 41 6.49 -13.66 -5.87
CA PHE A 41 7.72 -14.38 -6.18
C PHE A 41 8.41 -14.93 -4.93
N ALA A 42 8.01 -14.42 -3.76
CA ALA A 42 8.72 -14.73 -2.51
C ALA A 42 7.98 -15.67 -1.56
N LYS A 43 8.77 -16.44 -0.82
CA LYS A 43 8.33 -17.06 0.42
C LYS A 43 8.85 -16.14 1.51
N CYS A 44 8.00 -15.84 2.49
CA CYS A 44 8.33 -14.86 3.50
C CYS A 44 8.55 -15.49 4.86
N TYR A 45 9.54 -14.96 5.59
CA TYR A 45 10.01 -15.53 6.85
C TYR A 45 10.37 -14.46 7.87
N GLU A 46 10.29 -14.82 9.15
CA GLU A 46 10.99 -14.07 10.18
C GLU A 46 12.48 -14.24 9.88
N MET A 47 13.25 -13.17 10.03
CA MET A 47 14.70 -13.23 9.85
C MET A 47 15.41 -12.31 10.84
N THR A 48 16.30 -12.91 11.63
CA THR A 48 17.04 -12.18 12.66
C THR A 48 18.46 -11.91 12.19
N ASP A 49 18.84 -10.64 12.26
CA ASP A 49 20.21 -10.19 12.10
C ASP A 49 20.92 -10.49 13.42
N LEU A 50 21.91 -11.38 13.37
CA LEU A 50 22.56 -11.86 14.58
C LEU A 50 23.48 -10.80 15.21
N THR A 51 23.63 -9.66 14.55
CA THR A 51 24.52 -8.62 15.01
C THR A 51 24.02 -7.42 15.84
N ASN A 52 22.88 -6.81 15.54
CA ASN A 52 21.76 -6.56 16.49
C ASN A 52 20.72 -7.41 17.20
N ASN A 53 20.54 -8.67 16.87
CA ASN A 53 19.44 -9.47 17.44
C ASN A 53 18.05 -8.87 17.25
N LYS A 54 17.84 -8.24 16.10
CA LYS A 54 16.54 -7.72 15.76
C LYS A 54 15.91 -8.57 14.66
N VAL A 55 14.59 -8.75 14.74
CA VAL A 55 13.82 -9.55 13.78
C VAL A 55 13.23 -8.66 12.71
N TYR A 56 13.34 -9.10 11.46
CA TYR A 56 12.80 -8.42 10.30
C TYR A 56 11.85 -9.38 9.57
N ALA A 57 10.98 -8.82 8.74
CA ALA A 57 10.20 -9.62 7.81
C ALA A 57 11.02 -9.74 6.54
N ALA A 58 11.33 -10.98 6.19
CA ALA A 58 12.13 -11.23 4.98
C ALA A 58 11.34 -11.82 3.82
N LYS A 59 11.58 -11.26 2.64
CA LYS A 59 11.18 -11.90 1.38
C LYS A 59 12.35 -12.71 0.87
N ILE A 60 12.10 -14.00 0.60
CA ILE A 60 13.13 -14.88 0.05
C ILE A 60 12.67 -15.38 -1.30
N ILE A 61 13.36 -14.91 -2.34
CA ILE A 61 12.99 -15.17 -3.73
C ILE A 61 14.09 -16.04 -4.34
N PRO A 62 13.74 -17.28 -4.76
CA PRO A 62 14.75 -18.07 -5.43
C PRO A 62 15.02 -17.47 -6.80
N HIS A 63 16.27 -17.58 -7.24
CA HIS A 63 16.66 -17.04 -8.55
C HIS A 63 15.84 -17.62 -9.71
N SER A 64 15.32 -18.83 -9.52
CA SER A 64 14.48 -19.52 -10.51
C SER A 64 13.17 -18.77 -10.76
N ARG A 65 12.72 -18.00 -9.76
CA ARG A 65 11.54 -17.17 -9.92
C ARG A 65 11.85 -15.86 -10.65
N VAL A 66 13.13 -15.51 -10.77
CA VAL A 66 13.48 -14.28 -11.49
C VAL A 66 14.39 -14.50 -12.69
N SER A 67 14.26 -15.69 -13.30
CA SER A 67 15.10 -16.12 -14.43
C SER A 67 14.99 -15.26 -15.70
N LYS A 68 13.80 -14.71 -15.95
CA LYS A 68 13.60 -13.83 -17.09
C LYS A 68 14.12 -12.42 -16.80
N PRO A 69 14.80 -11.79 -17.78
CA PRO A 69 15.34 -10.44 -17.61
C PRO A 69 14.34 -9.40 -17.10
N HIS A 70 13.08 -9.50 -17.55
CA HIS A 70 12.06 -8.53 -17.17
C HIS A 70 11.68 -8.61 -15.68
N GLN A 71 11.63 -9.82 -15.15
CA GLN A 71 11.32 -10.01 -13.73
C GLN A 71 12.54 -9.78 -12.84
N ARG A 72 13.73 -10.03 -13.38
CA ARG A 72 14.99 -9.66 -12.73
C ARG A 72 15.01 -8.14 -12.55
N GLU A 73 14.68 -7.44 -13.64
CA GLU A 73 14.57 -5.99 -13.62
C GLU A 73 13.47 -5.51 -12.66
N LYS A 74 12.40 -6.31 -12.51
CA LYS A 74 11.31 -5.97 -11.59
C LYS A 74 11.73 -5.91 -10.10
N ILE A 75 12.45 -6.92 -9.60
CA ILE A 75 12.86 -6.86 -8.18
C ILE A 75 13.94 -5.81 -7.97
N ASP A 76 14.82 -5.66 -8.96
CA ASP A 76 15.92 -4.69 -8.90
C ASP A 76 15.38 -3.28 -8.72
N LYS A 77 14.32 -2.95 -9.45
CA LYS A 77 13.74 -1.63 -9.31
C LYS A 77 13.01 -1.46 -7.98
N GLU A 78 12.31 -2.51 -7.54
CA GLU A 78 11.68 -2.51 -6.23
C GLU A 78 12.71 -2.19 -5.14
N ILE A 79 13.87 -2.87 -5.20
CA ILE A 79 14.95 -2.69 -4.25
C ILE A 79 15.53 -1.27 -4.31
N GLU A 80 15.80 -0.81 -5.54
CA GLU A 80 16.40 0.50 -5.81
C GLU A 80 15.57 1.67 -5.23
N LEU A 81 14.26 1.59 -5.43
CA LEU A 81 13.33 2.62 -4.98
C LEU A 81 13.04 2.50 -3.48
N HIS A 82 12.78 1.28 -3.02
CA HIS A 82 12.47 1.06 -1.60
C HIS A 82 13.62 1.40 -0.66
N ARG A 83 14.85 1.04 -1.04
CA ARG A 83 16.01 1.22 -0.14
C ARG A 83 16.32 2.67 0.25
N ILE A 84 15.83 3.64 -0.53
CA ILE A 84 16.16 5.04 -0.25
C ILE A 84 15.10 5.75 0.61
N LEU A 85 14.05 5.02 0.98
CA LEU A 85 12.94 5.60 1.72
C LEU A 85 13.10 5.45 3.23
N HIS A 86 12.87 6.54 3.95
CA HIS A 86 12.86 6.53 5.41
CA HIS A 86 12.89 6.56 5.41
C HIS A 86 11.75 7.44 5.90
N HIS A 87 10.69 6.83 6.41
CA HIS A 87 9.54 7.55 6.91
C HIS A 87 8.76 6.61 7.80
N LYS A 88 8.19 7.19 8.85
CA LYS A 88 7.45 6.48 9.89
C LYS A 88 6.19 5.74 9.38
N HIS A 89 5.67 6.15 8.22
CA HIS A 89 4.50 5.46 7.68
C HIS A 89 4.77 4.79 6.32
N VAL A 90 6.04 4.48 6.11
CA VAL A 90 6.48 3.65 5.02
C VAL A 90 7.24 2.50 5.65
N VAL A 91 6.92 1.29 5.21
CA VAL A 91 7.67 0.10 5.61
C VAL A 91 9.16 0.40 5.44
N GLN A 92 9.92 0.21 6.53
CA GLN A 92 11.34 0.51 6.51
C GLN A 92 12.16 -0.61 5.92
N PHE A 93 12.75 -0.32 4.76
CA PHE A 93 13.71 -1.20 4.13
C PHE A 93 14.91 -1.28 5.06
N TYR A 94 15.36 -2.50 5.34
CA TYR A 94 16.53 -2.68 6.19
C TYR A 94 17.76 -2.99 5.34
N HIS A 95 17.75 -4.15 4.71
CA HIS A 95 18.90 -4.59 3.92
C HIS A 95 18.47 -5.66 2.93
N TYR A 96 19.24 -5.78 1.86
CA TYR A 96 19.06 -6.83 0.88
C TYR A 96 20.39 -7.46 0.52
N PHE A 97 20.39 -8.77 0.29
CA PHE A 97 21.55 -9.45 -0.27
C PHE A 97 21.14 -10.69 -1.04
N GLU A 98 22.11 -11.32 -1.69
CA GLU A 98 21.89 -12.53 -2.48
C GLU A 98 22.97 -13.56 -2.20
N ASP A 99 22.63 -14.84 -2.30
CA ASP A 99 23.65 -15.89 -2.44
C ASP A 99 23.38 -16.67 -3.75
N LYS A 100 23.96 -17.86 -3.90
CA LYS A 100 23.73 -18.65 -5.11
C LYS A 100 22.29 -19.18 -5.28
N GLU A 101 21.50 -19.18 -4.20
CA GLU A 101 20.14 -19.72 -4.27
C GLU A 101 19.05 -18.66 -4.31
N ASN A 102 19.20 -17.62 -3.48
CA ASN A 102 18.09 -16.70 -3.20
C ASN A 102 18.47 -15.23 -3.16
N ILE A 103 17.44 -14.39 -3.34
CA ILE A 103 17.47 -12.97 -3.02
C ILE A 103 16.77 -12.81 -1.67
N TYR A 104 17.41 -12.06 -0.77
CA TYR A 104 16.84 -11.77 0.55
C TYR A 104 16.57 -10.29 0.63
N ILE A 105 15.31 -9.92 0.93
CA ILE A 105 14.93 -8.54 1.20
C ILE A 105 14.37 -8.47 2.62
N LEU A 106 15.10 -7.79 3.50
CA LEU A 106 14.70 -7.68 4.91
C LEU A 106 14.01 -6.36 5.14
N LEU A 107 12.79 -6.45 5.67
CA LEU A 107 11.93 -5.29 5.84
C LEU A 107 11.45 -5.18 7.29
N GLU A 108 10.99 -4.00 7.66
CA GLU A 108 10.34 -3.75 8.94
C GLU A 108 9.26 -4.79 9.23
N TYR A 109 9.44 -5.53 10.33
CA TYR A 109 8.48 -6.54 10.77
C TYR A 109 7.23 -5.92 11.40
N CYS A 110 6.07 -6.24 10.82
CA CYS A 110 4.78 -5.73 11.28
C CYS A 110 3.95 -6.92 11.75
N SER A 111 3.84 -7.06 13.07
CA SER A 111 3.31 -8.29 13.68
C SER A 111 1.79 -8.53 13.53
N ARG A 112 1.08 -7.52 13.04
CA ARG A 112 -0.39 -7.56 13.00
C ARG A 112 -0.92 -7.48 11.58
N ARG A 113 -0.17 -8.10 10.67
CA ARG A 113 -0.59 -8.34 9.30
C ARG A 113 -0.88 -7.03 8.56
N SER A 114 -2.01 -7.01 7.85
CA SER A 114 -2.40 -5.86 7.04
C SER A 114 -3.84 -5.47 7.29
N MET A 115 -4.20 -4.32 6.73
CA MET A 115 -5.59 -3.89 6.70
C MET A 115 -6.54 -4.78 5.93
N ALA A 116 -6.04 -5.55 4.96
CA ALA A 116 -6.87 -6.53 4.26
C ALA A 116 -7.42 -7.56 5.26
N HIS A 117 -6.54 -8.05 6.13
CA HIS A 117 -6.93 -9.02 7.18
C HIS A 117 -7.91 -8.43 8.18
N ILE A 118 -7.69 -7.16 8.56
CA ILE A 118 -8.59 -6.46 9.46
C ILE A 118 -9.98 -6.29 8.85
N LEU A 119 -10.06 -5.72 7.64
CA LEU A 119 -11.36 -5.53 7.02
C LEU A 119 -12.11 -6.85 6.74
N LYS A 120 -11.37 -7.92 6.44
CA LYS A 120 -12.00 -9.22 6.22
C LYS A 120 -12.75 -9.64 7.49
N ALA A 121 -12.11 -9.42 8.64
CA ALA A 121 -12.70 -9.76 9.93
C ALA A 121 -13.81 -8.79 10.34
N ARG A 122 -13.60 -7.49 10.11
CA ARG A 122 -14.54 -6.47 10.60
C ARG A 122 -15.69 -6.16 9.67
N LYS A 123 -15.47 -6.44 8.37
CA LYS A 123 -16.34 -6.10 7.23
C LYS A 123 -16.30 -4.63 6.92
N VAL A 124 -16.59 -3.82 7.93
CA VAL A 124 -16.65 -2.37 7.84
C VAL A 124 -16.04 -1.75 9.11
N LEU A 125 -15.39 -0.60 8.95
CA LEU A 125 -14.81 0.12 10.09
C LEU A 125 -15.61 1.37 10.50
N THR A 126 -15.47 1.74 11.76
CA THR A 126 -16.04 2.98 12.28
C THR A 126 -15.29 4.20 11.71
N GLU A 127 -15.97 5.35 11.67
CA GLU A 127 -15.35 6.58 11.12
C GLU A 127 -14.04 7.02 11.82
N PRO A 128 -13.98 6.99 13.17
CA PRO A 128 -12.72 7.38 13.83
C PRO A 128 -11.55 6.48 13.45
N GLU A 129 -11.84 5.22 13.16
CA GLU A 129 -10.84 4.25 12.70
C GLU A 129 -10.40 4.56 11.27
N VAL A 130 -11.38 4.86 10.40
CA VAL A 130 -11.10 5.25 9.02
C VAL A 130 -10.18 6.49 9.02
N ARG A 131 -10.49 7.48 9.86
CA ARG A 131 -9.63 8.65 10.03
C ARG A 131 -8.22 8.27 10.51
N TYR A 132 -8.15 7.42 11.54
CA TYR A 132 -6.87 6.96 12.12
C TYR A 132 -5.93 6.34 11.06
N TYR A 133 -6.45 5.39 10.31
CA TYR A 133 -5.68 4.71 9.28
C TYR A 133 -5.38 5.62 8.09
N LEU A 134 -6.40 6.34 7.60
CA LEU A 134 -6.23 7.21 6.43
C LEU A 134 -5.21 8.32 6.66
N ARG A 135 -5.18 8.92 7.86
CA ARG A 135 -4.19 9.96 8.15
C ARG A 135 -2.78 9.39 8.00
N GLN A 136 -2.60 8.15 8.44
CA GLN A 136 -1.30 7.47 8.32
C GLN A 136 -0.93 7.12 6.89
N ILE A 137 -1.90 6.65 6.11
CA ILE A 137 -1.69 6.39 4.69
C ILE A 137 -1.30 7.67 3.96
N VAL A 138 -2.08 8.73 4.18
CA VAL A 138 -1.79 10.06 3.63
C VAL A 138 -0.41 10.55 4.03
N SER A 139 -0.05 10.41 5.30
CA SER A 139 1.29 10.76 5.77
C SER A 139 2.40 10.10 4.92
N GLY A 140 2.38 8.77 4.84
CA GLY A 140 3.37 8.02 4.02
C GLY A 140 3.36 8.34 2.53
N LEU A 141 2.17 8.45 1.93
CA LEU A 141 2.03 8.74 0.49
C LEU A 141 2.54 10.15 0.16
N LYS A 142 2.24 11.09 1.06
CA LYS A 142 2.80 12.44 1.00
C LYS A 142 4.32 12.40 0.84
N TYR A 143 4.96 11.67 1.75
CA TYR A 143 6.41 11.47 1.73
C TYR A 143 6.89 10.94 0.36
N LEU A 144 6.23 9.90 -0.12
CA LEU A 144 6.56 9.29 -1.42
C LEU A 144 6.43 10.26 -2.58
N HIS A 145 5.29 10.92 -2.68
CA HIS A 145 5.01 11.91 -3.72
C HIS A 145 6.01 13.08 -3.74
N GLU A 146 6.57 13.41 -2.58
CA GLU A 146 7.62 14.44 -2.54
C GLU A 146 9.01 13.90 -2.94
N GLN A 147 9.17 12.57 -2.87
CA GLN A 147 10.36 11.89 -3.41
C GLN A 147 10.17 11.64 -4.92
N GLU A 148 9.08 12.19 -5.45
CA GLU A 148 8.55 11.90 -6.79
C GLU A 148 8.49 10.40 -7.10
N ILE A 149 8.05 9.62 -6.12
CA ILE A 149 7.79 8.20 -6.30
C ILE A 149 6.27 7.97 -6.24
N LEU A 150 5.75 7.27 -7.24
CA LEU A 150 4.34 6.87 -7.25
C LEU A 150 4.27 5.42 -6.76
N HIS A 151 3.31 5.12 -5.88
CA HIS A 151 3.18 3.76 -5.36
C HIS A 151 2.60 2.80 -6.41
N ARG A 152 1.48 3.20 -6.99
CA ARG A 152 0.84 2.51 -8.13
C ARG A 152 0.08 1.21 -7.80
N ASP A 153 0.13 0.79 -6.55
CA ASP A 153 -0.79 -0.24 -6.09
C ASP A 153 -1.22 -0.07 -4.66
N LEU A 154 -1.78 1.10 -4.35
CA LEU A 154 -2.34 1.31 -3.03
C LEU A 154 -3.54 0.38 -2.85
N LYS A 155 -3.54 -0.36 -1.75
CA LYS A 155 -4.60 -1.32 -1.43
C LYS A 155 -4.46 -1.72 0.03
N LEU A 156 -5.53 -2.25 0.60
CA LEU A 156 -5.57 -2.60 2.02
C LEU A 156 -4.46 -3.60 2.42
N GLY A 157 -4.20 -4.60 1.57
CA GLY A 157 -3.13 -5.58 1.76
C GLY A 157 -1.72 -5.00 1.81
N ASN A 158 -1.57 -3.77 1.32
CA ASN A 158 -0.26 -3.10 1.34
C ASN A 158 -0.11 -2.08 2.45
N PHE A 159 -1.10 -2.05 3.36
CA PHE A 159 -1.05 -1.22 4.55
C PHE A 159 -0.77 -2.18 5.71
N PHE A 160 0.50 -2.21 6.09
CA PHE A 160 0.98 -3.16 7.10
C PHE A 160 0.85 -2.53 8.48
N ILE A 161 0.49 -3.36 9.47
CA ILE A 161 0.18 -2.91 10.81
C ILE A 161 1.10 -3.59 11.81
N ASN A 162 1.83 -2.78 12.58
CA ASN A 162 2.80 -3.30 13.55
C ASN A 162 2.17 -3.59 14.93
N GLU A 163 3.01 -3.97 15.90
CA GLU A 163 2.54 -4.37 17.23
C GLU A 163 1.73 -3.24 17.90
N SER A 164 2.22 -2.02 17.72
CA SER A 164 1.63 -0.79 18.28
C SER A 164 0.48 -0.19 17.47
N MET A 165 -0.11 -0.99 16.59
CA MET A 165 -1.23 -0.58 15.71
C MET A 165 -0.94 0.60 14.78
N GLU A 166 0.34 0.79 14.46
CA GLU A 166 0.80 1.81 13.50
C GLU A 166 0.83 1.25 12.09
N LEU A 167 0.39 2.08 11.15
CA LEU A 167 0.28 1.74 9.73
C LEU A 167 1.54 2.16 8.96
N LYS A 168 2.00 1.22 8.13
CA LYS A 168 3.12 1.46 7.22
C LYS A 168 2.71 0.99 5.83
N VAL A 169 2.85 1.90 4.87
CA VAL A 169 2.62 1.62 3.46
C VAL A 169 3.79 0.81 2.91
N GLY A 170 3.48 -0.35 2.32
CA GLY A 170 4.52 -1.18 1.76
C GLY A 170 4.22 -1.74 0.39
N ASP A 171 4.97 -2.72 0.02
CA ASP A 171 4.96 -3.33 -1.26
C ASP A 171 5.17 -2.42 -2.47
N PHE A 172 6.43 -2.13 -2.69
CA PHE A 172 6.89 -1.29 -3.76
C PHE A 172 7.19 -2.02 -5.06
N GLY A 173 6.62 -3.20 -5.19
CA GLY A 173 6.58 -3.95 -6.42
C GLY A 173 6.21 -3.25 -7.73
N LEU A 174 5.37 -2.22 -7.69
CA LEU A 174 4.77 -1.58 -8.90
C LEU A 174 5.06 -0.09 -8.94
N ALA A 175 5.82 0.33 -7.98
CA ALA A 175 6.28 1.70 -7.79
C ALA A 175 7.22 2.15 -8.89
N ALA A 176 7.11 3.43 -9.23
CA ALA A 176 7.93 4.04 -10.26
C ALA A 176 8.12 5.51 -9.95
N ARG A 177 9.19 6.07 -10.49
CA ARG A 177 9.44 7.48 -10.42
C ARG A 177 8.44 8.18 -11.32
N LEU A 178 8.00 9.37 -10.92
CA LEU A 178 7.06 10.14 -11.71
C LEU A 178 7.70 10.52 -13.04
N GLU A 179 6.90 10.53 -14.10
CA GLU A 179 7.34 10.98 -15.43
C GLU A 179 6.41 12.06 -15.96
N PRO A 180 6.96 12.98 -16.79
CA PRO A 180 6.06 13.93 -17.46
C PRO A 180 5.20 13.19 -18.48
N LEU A 181 3.95 13.62 -18.65
CA LEU A 181 2.99 12.97 -19.55
C LEU A 181 3.56 12.67 -20.94
N GLU A 182 4.34 13.62 -21.47
CA GLU A 182 4.91 13.50 -22.82
C GLU A 182 5.88 12.33 -23.00
N HIS A 183 6.54 11.92 -21.92
CA HIS A 183 7.50 10.80 -21.96
C HIS A 183 7.10 9.68 -20.98
N ARG A 184 5.81 9.64 -20.65
CA ARG A 184 5.26 8.71 -19.66
C ARG A 184 4.82 7.39 -20.29
N ARG A 185 5.00 6.29 -19.56
CA ARG A 185 4.46 4.97 -19.93
C ARG A 185 2.93 5.06 -19.97
N ARG A 186 2.33 4.49 -21.02
CA ARG A 186 0.89 4.61 -21.24
C ARG A 186 0.16 3.29 -21.15
N THR A 187 0.91 2.20 -20.99
CA THR A 187 0.32 0.87 -20.82
C THR A 187 0.03 0.61 -19.33
N ILE A 188 -0.96 -0.24 -19.06
CA ILE A 188 -1.27 -0.61 -17.68
C ILE A 188 -0.11 -1.40 -17.07
N CYS A 189 0.50 -0.82 -16.04
CA CYS A 189 1.61 -1.46 -15.35
C CYS A 189 1.08 -2.45 -14.30
N GLY A 190 1.51 -3.70 -14.41
CA GLY A 190 1.07 -4.78 -13.53
C GLY A 190 -0.44 -4.91 -13.46
N THR A 191 -0.93 -5.45 -12.35
CA THR A 191 -2.37 -5.55 -12.18
C THR A 191 -2.83 -5.00 -10.82
N PRO A 192 -3.02 -3.67 -10.74
CA PRO A 192 -3.30 -3.02 -9.46
C PRO A 192 -4.74 -3.27 -9.04
N ASN A 193 -5.04 -2.93 -7.81
CA ASN A 193 -6.36 -3.16 -7.23
C ASN A 193 -7.39 -2.17 -7.78
N TYR A 194 -6.97 -0.91 -8.01
CA TYR A 194 -7.87 0.20 -8.43
C TYR A 194 -7.41 1.06 -9.60
N LEU A 195 -7.68 0.59 -10.81
CA LEU A 195 -7.38 1.33 -12.02
C LEU A 195 -8.34 2.49 -12.36
N SER A 196 -7.86 3.58 -12.95
CA SER A 196 -8.00 4.95 -12.49
C SER A 196 -8.49 5.32 -13.93
N PRO A 197 -9.46 6.26 -14.08
CA PRO A 197 -9.95 6.61 -15.42
C PRO A 197 -8.84 6.99 -16.42
N GLU A 198 -7.91 7.81 -15.96
CA GLU A 198 -6.80 8.28 -16.81
C GLU A 198 -5.89 7.12 -17.27
N VAL A 199 -5.65 6.12 -16.40
CA VAL A 199 -4.88 4.93 -16.81
C VAL A 199 -5.62 4.14 -17.89
N LEU A 200 -6.95 4.04 -17.78
CA LEU A 200 -7.77 3.33 -18.77
C LEU A 200 -7.99 4.13 -20.05
N ASN A 201 -7.60 5.40 -20.01
CA ASN A 201 -7.65 6.28 -21.20
C ASN A 201 -6.26 6.40 -21.80
N LYS A 202 -5.37 5.53 -21.32
CA LYS A 202 -3.98 5.43 -21.77
C LYS A 202 -3.20 6.76 -21.62
N GLN A 203 -3.47 7.46 -20.52
CA GLN A 203 -2.75 8.69 -20.15
C GLN A 203 -1.61 8.39 -19.18
N GLY A 204 -1.54 7.14 -18.72
CA GLY A 204 -0.53 6.76 -17.74
C GLY A 204 -0.95 7.10 -16.33
N HIS A 205 -0.11 6.69 -15.38
CA HIS A 205 -0.36 6.78 -13.94
C HIS A 205 0.40 7.95 -13.33
N GLY A 206 -0.32 8.97 -12.87
CA GLY A 206 0.28 10.11 -12.15
C GLY A 206 -0.03 10.06 -10.65
N ALA A 207 0.34 11.13 -9.93
CA ALA A 207 0.02 11.21 -8.49
C ALA A 207 -1.49 11.13 -8.20
N GLU A 208 -2.31 11.69 -9.11
CA GLU A 208 -3.77 11.65 -8.99
C GLU A 208 -4.34 10.23 -9.09
N SER A 209 -3.63 9.36 -9.79
CA SER A 209 -3.99 7.94 -9.87
C SER A 209 -3.83 7.22 -8.52
N ASP A 210 -2.84 7.63 -7.73
CA ASP A 210 -2.70 7.17 -6.34
C ASP A 210 -3.85 7.69 -5.46
N ILE A 211 -4.25 8.93 -5.72
CA ILE A 211 -5.40 9.55 -5.04
C ILE A 211 -6.73 8.86 -5.35
N TRP A 212 -6.91 8.45 -6.63
CA TRP A 212 -8.00 7.54 -7.05
C TRP A 212 -8.05 6.50 -5.95
N ALA A 213 -6.94 5.88 -5.57
CA ALA A 213 -6.89 4.45 -5.36
C ALA A 213 -7.22 4.68 -3.86
N LEU A 214 -6.74 5.84 -3.34
CA LEU A 214 -7.05 6.31 -1.99
C LEU A 214 -8.54 6.55 -1.72
N GLY A 215 -9.24 7.16 -2.69
CA GLY A 215 -10.71 7.23 -2.67
C GLY A 215 -11.40 5.85 -2.63
N CYS A 216 -10.88 4.89 -3.42
CA CYS A 216 -11.42 3.53 -3.43
C CYS A 216 -11.18 2.84 -2.08
N VAL A 217 -9.98 3.05 -1.52
CA VAL A 217 -9.63 2.53 -0.20
C VAL A 217 -10.60 3.04 0.89
N MET A 218 -10.86 4.35 0.89
CA MET A 218 -11.73 4.96 1.90
C MET A 218 -13.16 4.43 1.80
N TYR A 219 -13.65 4.32 0.57
CA TYR A 219 -14.95 3.75 0.25
C TYR A 219 -15.03 2.32 0.80
N THR A 220 -14.02 1.50 0.47
CA THR A 220 -13.98 0.12 0.94
C THR A 220 -13.92 0.00 2.47
N MET A 221 -13.13 0.86 3.13
CA MET A 221 -13.07 0.88 4.62
C MET A 221 -14.45 1.14 5.23
N LEU A 222 -15.23 2.00 4.59
CA LEU A 222 -16.51 2.41 5.13
C LEU A 222 -17.66 1.48 4.75
N LEU A 223 -17.58 0.88 3.57
CA LEU A 223 -18.66 0.09 3.00
C LEU A 223 -18.37 -1.42 2.84
N GLY A 224 -17.10 -1.81 2.92
CA GLY A 224 -16.71 -3.23 2.85
C GLY A 224 -16.61 -3.82 1.45
N ARG A 225 -16.79 -2.99 0.43
CA ARG A 225 -16.70 -3.38 -0.98
C ARG A 225 -16.20 -2.17 -1.81
N PRO A 226 -15.55 -2.42 -2.96
CA PRO A 226 -15.02 -1.30 -3.76
C PRO A 226 -16.14 -0.58 -4.52
N PRO A 227 -15.90 0.69 -4.92
CA PRO A 227 -16.92 1.44 -5.71
C PRO A 227 -17.09 0.92 -7.15
N PHE A 228 -16.03 0.35 -7.71
CA PHE A 228 -16.08 -0.28 -9.04
C PHE A 228 -15.54 -1.68 -8.94
N GLU A 229 -15.92 -2.55 -9.87
CA GLU A 229 -15.36 -3.89 -9.92
C GLU A 229 -13.85 -3.88 -10.03
N THR A 230 -13.21 -4.87 -9.44
CA THR A 230 -11.75 -4.93 -9.33
C THR A 230 -11.17 -6.16 -10.06
N THR A 231 -11.98 -6.70 -10.96
CA THR A 231 -11.61 -7.84 -11.78
C THR A 231 -10.60 -7.46 -12.86
N ASN A 232 -10.51 -6.16 -13.12
CA ASN A 232 -9.64 -5.59 -14.16
C ASN A 232 -9.97 -6.13 -15.55
N LEU A 233 -11.17 -6.70 -15.70
CA LEU A 233 -11.70 -7.16 -16.99
C LEU A 233 -12.07 -5.95 -17.84
N LYS A 234 -11.91 -6.07 -19.16
CA LYS A 234 -12.25 -4.96 -20.06
C LYS A 234 -13.72 -4.53 -20.00
N GLU A 235 -14.58 -5.46 -19.60
CA GLU A 235 -16.01 -5.19 -19.40
C GLU A 235 -16.31 -4.12 -18.33
N THR A 236 -15.35 -3.87 -17.45
CA THR A 236 -15.55 -2.93 -16.33
C THR A 236 -14.98 -1.55 -16.64
N TYR A 237 -14.33 -1.42 -17.79
CA TYR A 237 -13.58 -0.20 -18.14
C TYR A 237 -14.47 1.01 -18.28
N ARG A 238 -15.58 0.84 -18.99
CA ARG A 238 -16.54 1.92 -19.20
C ARG A 238 -17.05 2.54 -17.91
N SER A 239 -17.44 1.70 -16.95
CA SER A 239 -17.95 2.20 -15.67
C SER A 239 -16.90 3.03 -14.92
N ILE A 240 -15.65 2.60 -15.02
CA ILE A 240 -14.54 3.29 -14.37
C ILE A 240 -14.20 4.64 -15.02
N ARG A 241 -14.07 4.63 -16.33
CA ARG A 241 -13.88 5.81 -17.14
C ARG A 241 -14.96 6.86 -16.92
N GLU A 242 -16.20 6.44 -16.95
CA GLU A 242 -17.28 7.27 -16.57
C GLU A 242 -17.36 7.72 -15.09
N ALA A 243 -16.64 7.05 -14.22
CA ALA A 243 -16.66 7.32 -12.79
C ALA A 243 -18.06 7.37 -12.19
N ARG A 244 -18.95 6.53 -12.66
CA ARG A 244 -20.30 6.46 -12.13
C ARG A 244 -20.37 5.26 -11.16
N TYR A 245 -20.92 5.49 -9.98
CA TYR A 245 -20.98 4.47 -8.93
C TYR A 245 -22.13 4.73 -7.96
N THR A 246 -22.45 3.71 -7.16
CA THR A 246 -23.49 3.86 -6.13
C THR A 246 -22.85 4.52 -4.92
N MET A 247 -23.40 5.67 -4.53
CA MET A 247 -23.01 6.30 -3.27
C MET A 247 -24.08 5.96 -2.25
N PRO A 248 -23.81 4.93 -1.41
CA PRO A 248 -24.83 4.45 -0.49
C PRO A 248 -25.22 5.51 0.53
N SER A 249 -26.49 5.48 0.93
CA SER A 249 -27.05 6.47 1.85
C SER A 249 -26.49 6.30 3.25
N SER A 250 -25.92 5.13 3.55
CA SER A 250 -25.37 4.84 4.88
C SER A 250 -24.21 5.76 5.25
N LEU A 251 -23.51 6.26 4.22
CA LEU A 251 -22.41 7.21 4.39
C LEU A 251 -22.87 8.51 5.05
N LEU A 252 -22.08 9.00 6.01
CA LEU A 252 -22.32 10.33 6.55
C LEU A 252 -21.92 11.37 5.50
N ALA A 253 -22.54 12.55 5.54
CA ALA A 253 -22.35 13.57 4.51
C ALA A 253 -20.88 13.93 4.20
N PRO A 254 -20.05 14.21 5.24
CA PRO A 254 -18.65 14.52 4.93
C PRO A 254 -17.88 13.37 4.28
N ALA A 255 -18.16 12.15 4.70
CA ALA A 255 -17.54 10.97 4.09
C ALA A 255 -17.89 10.94 2.59
N LYS A 256 -19.18 11.15 2.30
CA LYS A 256 -19.72 11.20 0.95
C LYS A 256 -18.98 12.26 0.09
N HIS A 257 -18.77 13.44 0.66
CA HIS A 257 -18.16 14.56 -0.07
C HIS A 257 -16.69 14.32 -0.38
N LEU A 258 -15.95 13.76 0.57
CA LEU A 258 -14.51 13.55 0.39
C LEU A 258 -14.28 12.42 -0.62
N ILE A 259 -15.06 11.37 -0.52
CA ILE A 259 -15.01 10.28 -1.46
C ILE A 259 -15.25 10.78 -2.90
N ALA A 260 -16.40 11.35 -3.13
CA ALA A 260 -16.72 12.11 -4.35
C ALA A 260 -15.58 12.95 -4.91
N SER A 261 -14.85 13.65 -4.07
CA SER A 261 -13.79 14.44 -4.60
C SER A 261 -12.57 13.60 -5.06
N MET A 262 -12.21 12.58 -4.29
CA MET A 262 -11.10 11.72 -4.63
C MET A 262 -11.33 10.86 -5.88
N LEU A 263 -12.59 10.62 -6.16
CA LEU A 263 -13.02 9.82 -7.31
C LEU A 263 -13.62 10.66 -8.47
N SER A 264 -13.32 11.96 -8.44
CA SER A 264 -13.43 12.83 -9.59
C SER A 264 -12.96 12.18 -10.85
N LYS A 265 -13.79 12.20 -11.86
CA LYS A 265 -13.44 11.61 -13.14
C LYS A 265 -12.15 12.14 -13.74
N ASN A 266 -12.02 13.47 -13.76
CA ASN A 266 -10.87 14.19 -14.30
C ASN A 266 -9.83 14.26 -13.18
N PRO A 267 -8.63 13.66 -13.41
CA PRO A 267 -7.56 13.69 -12.41
C PRO A 267 -7.27 15.08 -11.85
N GLU A 268 -7.34 16.13 -12.68
CA GLU A 268 -7.09 17.52 -12.25
C GLU A 268 -8.08 18.04 -11.18
N ASP A 269 -9.28 17.44 -11.10
CA ASP A 269 -10.32 17.87 -10.15
C ASP A 269 -10.16 17.30 -8.73
N ARG A 270 -9.31 16.28 -8.60
CA ARG A 270 -9.12 15.62 -7.31
C ARG A 270 -8.30 16.49 -6.34
N PRO A 271 -8.60 16.37 -5.03
CA PRO A 271 -7.91 17.15 -4.01
C PRO A 271 -6.44 16.77 -3.89
N SER A 272 -5.62 17.71 -3.42
CA SER A 272 -4.25 17.41 -3.00
C SER A 272 -4.28 16.64 -1.66
N LEU A 273 -3.13 16.07 -1.29
CA LEU A 273 -3.03 15.33 -0.02
C LEU A 273 -3.26 16.20 1.21
N ASP A 274 -2.68 17.41 1.18
CA ASP A 274 -2.98 18.41 2.21
C ASP A 274 -4.45 18.77 2.32
N ASP A 275 -5.15 18.89 1.18
CA ASP A 275 -6.60 19.11 1.14
C ASP A 275 -7.36 17.96 1.79
N ILE A 276 -6.96 16.73 1.46
CA ILE A 276 -7.65 15.51 1.91
C ILE A 276 -7.70 15.43 3.44
N ILE A 277 -6.56 15.56 4.10
CA ILE A 277 -6.50 15.52 5.57
C ILE A 277 -7.07 16.77 6.25
N ARG A 278 -7.28 17.85 5.50
CA ARG A 278 -7.93 19.03 6.06
C ARG A 278 -9.43 19.11 5.74
N HIS A 279 -9.95 18.09 5.04
CA HIS A 279 -11.37 18.01 4.69
C HIS A 279 -12.20 17.87 5.95
N ASP A 280 -13.45 18.33 5.92
CA ASP A 280 -14.37 18.17 7.05
C ASP A 280 -14.51 16.74 7.61
N PHE A 281 -14.35 15.73 6.76
CA PHE A 281 -14.45 14.34 7.22
C PHE A 281 -13.47 14.07 8.37
N PHE A 282 -12.29 14.71 8.27
CA PHE A 282 -11.20 14.59 9.24
C PHE A 282 -11.30 15.55 10.41
N THR A 283 -11.63 16.81 10.14
CA THR A 283 -11.48 17.87 11.14
C THR A 283 -12.70 17.98 12.04
N GLN A 284 -13.83 17.44 11.59
CA GLN A 284 -15.09 17.54 12.32
C GLN A 284 -15.47 16.25 13.04
N GLY A 285 -14.56 15.29 13.06
CA GLY A 285 -14.78 14.05 13.78
C GLY A 285 -13.72 13.80 14.82
N PHE A 286 -14.02 12.94 15.79
CA PHE A 286 -13.01 12.47 16.73
C PHE A 286 -12.09 11.45 16.06
N THR A 287 -10.79 11.51 16.38
CA THR A 287 -9.79 10.49 15.97
C THR A 287 -8.81 10.23 17.14
N PRO A 288 -8.74 8.97 17.52
CA PRO A 288 -7.76 8.50 18.50
C PRO A 288 -6.35 8.71 18.03
N ASP A 289 -5.50 8.97 18.96
CA ASP A 289 -4.11 8.89 18.76
C ASP A 289 -3.54 7.49 18.58
N ARG A 290 -4.24 6.51 19.12
CA ARG A 290 -3.80 5.12 19.24
C ARG A 290 -5.07 4.27 19.18
N LEU A 291 -5.08 3.26 18.34
CA LEU A 291 -6.11 2.25 18.35
C LEU A 291 -5.61 1.05 19.14
N SER A 292 -6.50 0.44 19.86
CA SER A 292 -6.24 -0.86 20.46
C SER A 292 -6.27 -1.96 19.39
N SER A 293 -5.49 -3.01 19.61
CA SER A 293 -5.45 -4.18 18.71
C SER A 293 -6.75 -4.98 18.65
N SER A 294 -7.60 -4.84 19.67
CA SER A 294 -8.96 -5.41 19.59
C SER A 294 -9.70 -4.98 18.31
N CYS A 295 -9.36 -3.79 17.80
CA CYS A 295 -9.95 -3.24 16.58
C CYS A 295 -9.69 -4.10 15.34
N CYS A 296 -8.71 -5.01 15.41
CA CYS A 296 -8.51 -6.01 14.36
C CYS A 296 -9.69 -6.98 14.25
N HIS A 297 -10.36 -7.24 15.38
CA HIS A 297 -11.46 -8.23 15.47
C HIS A 297 -12.83 -7.64 15.84
N THR A 298 -12.84 -6.66 16.73
CA THR A 298 -14.04 -6.17 17.41
C THR A 298 -14.30 -4.68 17.16
N VAL A 299 -15.56 -4.30 16.98
CA VAL A 299 -15.96 -2.89 16.89
C VAL A 299 -15.64 -2.14 18.19
N PRO A 300 -14.91 -1.00 18.08
CA PRO A 300 -14.58 -0.25 19.29
C PRO A 300 -15.78 0.45 19.94
N ASP A 301 -15.63 0.83 21.21
CA ASP A 301 -16.66 1.55 21.96
C ASP A 301 -16.89 2.94 21.38
N PHE A 302 -18.11 3.46 21.53
CA PHE A 302 -18.46 4.84 21.18
C PHE A 302 -17.59 5.92 21.84
N HIS A 303 -17.37 7.00 21.10
CA HIS A 303 -16.62 8.20 21.49
C HIS A 303 -15.19 7.93 21.97
#